data_5JFY
#
_entry.id   5JFY
#
_cell.length_a   99.808
_cell.length_b   99.808
_cell.length_c   143.061
_cell.angle_alpha   90.000
_cell.angle_beta   90.000
_cell.angle_gamma   90.000
#
_symmetry.space_group_name_H-M   'P 43 21 2'
#
loop_
_entity.id
_entity.type
_entity.pdbx_description
1 polymer 'Deoxycytidine deaminase'
2 non-polymer 'CHLORIDE ION'
3 non-polymer 'ZINC ION'
4 non-polymer 'ACETATE ION'
5 non-polymer HEXANE-1,6-DIOL
6 non-polymer GLYCEROL
7 water water
#
_entity_poly.entity_id   1
_entity_poly.type   'polypeptide(L)'
_entity_poly.pdbx_seq_one_letter_code
;GSSGFAGHQQAVLDSDHKFLTQAVEEAYKGVDCGDGGPFGAVIVHKNEVVASCHNMVLKYTDPTAHAEVTAIREACKKLN
QIELSECEIYASCEPCPMCFGAIHLSRLKRLVYGAKAEAAIAIGFDDFIADALRGTGVY
;
_entity_poly.pdbx_strand_id   A,B,C,D
#
loop_
_chem_comp.id
_chem_comp.type
_chem_comp.name
_chem_comp.formula
ACT non-polymer 'ACETATE ION' 'C2 H3 O2 -1'
CL non-polymer 'CHLORIDE ION' 'Cl -1'
GOL non-polymer GLYCEROL 'C3 H8 O3'
HEZ non-polymer HEXANE-1,6-DIOL 'C6 H14 O2'
ZN non-polymer 'ZINC ION' 'Zn 2'
#
# COMPACT_ATOMS: atom_id res chain seq x y z
N GLY A 7 4.77 -8.55 16.77
CA GLY A 7 5.63 -7.61 16.07
C GLY A 7 5.79 -6.30 16.81
N HIS A 8 7.02 -5.80 16.86
CA HIS A 8 7.33 -4.53 17.50
C HIS A 8 8.22 -3.71 16.58
N GLN A 9 7.90 -2.43 16.46
CA GLN A 9 8.64 -1.56 15.55
C GLN A 9 10.08 -1.37 16.04
N GLN A 10 11.02 -1.35 15.10
CA GLN A 10 12.43 -1.18 15.40
C GLN A 10 12.99 -0.05 14.55
N ALA A 11 14.24 0.30 14.85
CA ALA A 11 14.94 1.30 14.05
C ALA A 11 15.43 0.69 12.74
N VAL A 12 15.46 1.53 11.71
CA VAL A 12 16.06 1.16 10.44
C VAL A 12 17.54 1.53 10.48
N LEU A 13 18.39 0.59 10.09
CA LEU A 13 19.83 0.75 10.19
C LEU A 13 20.42 1.15 8.84
N ASP A 14 21.63 1.71 8.89
CA ASP A 14 22.37 2.00 7.66
C ASP A 14 22.58 0.72 6.86
N SER A 15 22.81 -0.40 7.55
CA SER A 15 23.06 -1.66 6.87
C SER A 15 21.83 -2.20 6.16
N ASP A 16 20.63 -1.72 6.51
CA ASP A 16 19.43 -2.13 5.80
C ASP A 16 19.34 -1.53 4.41
N HIS A 17 20.02 -0.42 4.17
CA HIS A 17 19.82 0.33 2.93
C HIS A 17 20.09 -0.54 1.71
N LYS A 18 21.25 -1.22 1.67
CA LYS A 18 21.61 -1.96 0.48
C LYS A 18 20.63 -3.10 0.20
N PHE A 19 20.01 -3.66 1.23
CA PHE A 19 19.05 -4.74 1.01
C PHE A 19 17.70 -4.20 0.55
N LEU A 20 17.21 -3.13 1.19
CA LEU A 20 15.97 -2.52 0.73
C LEU A 20 16.09 -2.03 -0.71
N THR A 21 17.23 -1.42 -1.05
CA THR A 21 17.43 -0.94 -2.41
C THR A 21 17.34 -2.08 -3.42
N GLN A 22 17.91 -3.24 -3.08
CA GLN A 22 17.85 -4.37 -3.99
C GLN A 22 16.42 -4.89 -4.14
N ALA A 23 15.62 -4.82 -3.07
CA ALA A 23 14.21 -5.18 -3.19
C ALA A 23 13.50 -4.28 -4.18
N VAL A 24 13.85 -2.99 -4.19
CA VAL A 24 13.24 -2.07 -5.14
C VAL A 24 13.76 -2.31 -6.55
N GLU A 25 15.04 -2.66 -6.67
CA GLU A 25 15.58 -3.05 -7.96
C GLU A 25 14.82 -4.25 -8.52
N GLU A 26 14.44 -5.19 -7.66
CA GLU A 26 13.63 -6.32 -8.10
C GLU A 26 12.26 -5.86 -8.58
N ALA A 27 11.66 -4.90 -7.87
CA ALA A 27 10.38 -4.35 -8.30
C ALA A 27 10.49 -3.79 -9.72
N TYR A 28 11.58 -3.08 -10.02
CA TYR A 28 11.76 -2.54 -11.36
C TYR A 28 11.94 -3.67 -12.37
N LYS A 29 12.84 -4.61 -12.10
CA LYS A 29 13.06 -5.71 -13.03
C LYS A 29 11.76 -6.45 -13.32
N GLY A 30 10.93 -6.65 -12.30
CA GLY A 30 9.70 -7.40 -12.49
C GLY A 30 8.72 -6.70 -13.41
N VAL A 31 8.40 -5.43 -13.12
CA VAL A 31 7.46 -4.71 -13.96
C VAL A 31 8.04 -4.52 -15.35
N ASP A 32 9.36 -4.34 -15.46
CA ASP A 32 9.97 -4.08 -16.75
C ASP A 32 9.76 -5.23 -17.72
N CYS A 33 9.91 -6.47 -17.24
CA CYS A 33 9.77 -7.65 -18.10
C CYS A 33 8.37 -8.25 -18.06
N GLY A 34 7.47 -7.71 -17.25
CA GLY A 34 6.08 -8.15 -17.24
C GLY A 34 5.77 -9.33 -16.36
N ASP A 35 6.66 -9.68 -15.42
CA ASP A 35 6.38 -10.79 -14.51
C ASP A 35 5.17 -10.50 -13.62
N GLY A 36 4.96 -9.24 -13.28
CA GLY A 36 3.85 -8.88 -12.43
C GLY A 36 3.97 -7.43 -12.00
N GLY A 37 3.19 -7.07 -10.98
CA GLY A 37 3.23 -5.73 -10.43
C GLY A 37 4.61 -5.36 -9.94
N PRO A 38 4.91 -3.98 -9.82
CA PRO A 38 6.24 -3.52 -9.36
C PRO A 38 6.44 -3.66 -7.85
N PHE A 39 6.76 -4.88 -7.43
CA PHE A 39 6.96 -5.17 -6.01
C PHE A 39 8.06 -6.21 -5.89
N GLY A 40 8.99 -5.97 -4.96
CA GLY A 40 10.13 -6.85 -4.80
C GLY A 40 10.36 -7.20 -3.35
N ALA A 41 11.04 -8.32 -3.14
CA ALA A 41 11.35 -8.80 -1.80
C ALA A 41 12.73 -9.46 -1.81
N VAL A 42 13.46 -9.25 -0.72
CA VAL A 42 14.80 -9.80 -0.55
C VAL A 42 14.87 -10.44 0.84
N ILE A 43 15.42 -11.65 0.90
CA ILE A 43 15.64 -12.36 2.16
C ILE A 43 17.14 -12.51 2.37
N VAL A 44 17.60 -12.19 3.58
CA VAL A 44 19.02 -12.15 3.91
C VAL A 44 19.30 -13.19 4.98
N HIS A 45 20.36 -13.98 4.79
CA HIS A 45 20.80 -14.96 5.77
C HIS A 45 22.29 -14.77 5.99
N LYS A 46 22.67 -14.50 7.23
CA LYS A 46 24.08 -14.30 7.60
C LYS A 46 24.76 -13.33 6.65
N ASN A 47 24.08 -12.21 6.39
CA ASN A 47 24.60 -11.09 5.61
C ASN A 47 24.76 -11.42 4.13
N GLU A 48 24.08 -12.47 3.65
CA GLU A 48 24.05 -12.80 2.23
C GLU A 48 22.60 -12.91 1.79
N VAL A 49 22.33 -12.47 0.55
CA VAL A 49 21.00 -12.56 -0.02
C VAL A 49 20.76 -13.99 -0.48
N VAL A 50 19.79 -14.67 0.14
CA VAL A 50 19.44 -16.03 -0.26
C VAL A 50 18.22 -16.07 -1.18
N ALA A 51 17.47 -14.98 -1.29
CA ALA A 51 16.37 -14.88 -2.24
C ALA A 51 16.21 -13.42 -2.65
N SER A 52 16.12 -13.19 -3.96
CA SER A 52 15.90 -11.86 -4.51
C SER A 52 14.82 -12.03 -5.58
N CYS A 53 13.60 -11.61 -5.25
CA CYS A 53 12.43 -11.95 -6.05
C CYS A 53 11.54 -10.74 -6.23
N HIS A 54 10.56 -10.88 -7.13
CA HIS A 54 9.53 -9.88 -7.34
C HIS A 54 8.21 -10.60 -7.59
N ASN A 55 7.15 -9.81 -7.76
CA ASN A 55 5.83 -10.36 -8.04
C ASN A 55 5.87 -11.20 -9.32
N MET A 56 5.30 -12.40 -9.27
CA MET A 56 5.29 -13.32 -10.40
C MET A 56 3.87 -13.77 -10.76
N VAL A 57 2.85 -12.99 -10.40
CA VAL A 57 1.47 -13.42 -10.62
C VAL A 57 1.23 -13.67 -12.11
N LEU A 58 1.69 -12.76 -12.97
CA LEU A 58 1.47 -12.92 -14.40
C LEU A 58 2.35 -14.01 -14.97
N LYS A 59 3.63 -14.04 -14.60
CA LYS A 59 4.54 -15.03 -15.16
C LYS A 59 4.11 -16.45 -14.81
N TYR A 60 3.71 -16.67 -13.55
CA TYR A 60 3.36 -18.01 -13.07
C TYR A 60 1.88 -18.32 -13.17
N THR A 61 1.04 -17.34 -13.50
CA THR A 61 -0.40 -17.52 -13.45
C THR A 61 -0.82 -18.02 -12.07
N ASP A 62 -0.43 -17.24 -11.05
CA ASP A 62 -0.52 -17.68 -9.66
C ASP A 62 -0.80 -16.45 -8.80
N PRO A 63 -2.04 -16.29 -8.31
CA PRO A 63 -2.35 -15.12 -7.48
C PRO A 63 -1.66 -15.13 -6.13
N THR A 64 -1.11 -16.26 -5.69
CA THR A 64 -0.33 -16.28 -4.46
C THR A 64 1.12 -15.87 -4.70
N ALA A 65 1.54 -15.70 -5.94
CA ALA A 65 2.95 -15.47 -6.26
C ALA A 65 3.36 -14.02 -6.05
N HIS A 66 3.02 -13.44 -4.91
CA HIS A 66 3.52 -12.11 -4.58
C HIS A 66 5.02 -12.17 -4.33
N ALA A 67 5.62 -10.99 -4.17
CA ALA A 67 7.07 -10.92 -4.00
C ALA A 67 7.52 -11.63 -2.73
N GLU A 68 6.84 -11.37 -1.60
CA GLU A 68 7.25 -11.98 -0.34
C GLU A 68 7.10 -13.49 -0.38
N VAL A 69 5.96 -13.97 -0.89
CA VAL A 69 5.72 -15.41 -0.97
C VAL A 69 6.79 -16.07 -1.86
N THR A 70 7.06 -15.46 -3.01
CA THR A 70 8.05 -16.02 -3.93
C THR A 70 9.42 -16.09 -3.27
N ALA A 71 9.81 -15.03 -2.55
CA ALA A 71 11.12 -15.02 -1.89
C ALA A 71 11.19 -16.07 -0.78
N ILE A 72 10.11 -16.20 0.01
CA ILE A 72 10.07 -17.21 1.06
C ILE A 72 10.24 -18.59 0.46
N ARG A 73 9.56 -18.86 -0.66
CA ARG A 73 9.66 -20.17 -1.30
C ARG A 73 11.09 -20.45 -1.75
N GLU A 74 11.74 -19.46 -2.37
CA GLU A 74 13.10 -19.68 -2.87
C GLU A 74 14.08 -19.86 -1.72
N ALA A 75 13.95 -19.03 -0.67
CA ALA A 75 14.87 -19.14 0.46
C ALA A 75 14.78 -20.51 1.12
N CYS A 76 13.55 -20.98 1.35
CA CYS A 76 13.35 -22.26 2.02
C CYS A 76 13.93 -23.41 1.20
N LYS A 77 13.76 -23.35 -0.12
CA LYS A 77 14.27 -24.42 -0.98
C LYS A 77 15.79 -24.38 -1.05
N LYS A 78 16.40 -23.19 -1.05
CA LYS A 78 17.85 -23.10 -1.10
C LYS A 78 18.48 -23.57 0.20
N LEU A 79 17.87 -23.24 1.33
CA LEU A 79 18.38 -23.64 2.64
C LEU A 79 17.88 -25.02 3.06
N ASN A 80 16.91 -25.59 2.34
CA ASN A 80 16.28 -26.85 2.72
C ASN A 80 15.72 -26.77 4.14
N GLN A 81 15.02 -25.67 4.42
CA GLN A 81 14.35 -25.45 5.68
C GLN A 81 12.96 -24.91 5.42
N ILE A 82 12.01 -25.25 6.30
CA ILE A 82 10.67 -24.67 6.25
C ILE A 82 10.52 -23.53 7.24
N GLU A 83 11.59 -23.16 7.95
CA GLU A 83 11.58 -22.03 8.86
C GLU A 83 12.82 -21.18 8.60
N LEU A 84 12.65 -19.86 8.74
CA LEU A 84 13.70 -18.89 8.41
C LEU A 84 13.96 -17.98 9.61
N SER A 85 14.11 -18.57 10.79
CA SER A 85 14.21 -17.80 12.02
C SER A 85 15.52 -17.01 12.11
N GLU A 86 16.53 -17.36 11.33
CA GLU A 86 17.77 -16.61 11.29
C GLU A 86 17.81 -15.61 10.14
N CYS A 87 16.71 -15.41 9.43
CA CYS A 87 16.68 -14.59 8.24
C CYS A 87 15.83 -13.34 8.46
N GLU A 88 16.08 -12.33 7.64
CA GLU A 88 15.29 -11.11 7.60
C GLU A 88 14.82 -10.89 6.17
N ILE A 89 13.66 -10.26 6.04
CA ILE A 89 13.06 -10.01 4.73
C ILE A 89 12.94 -8.51 4.51
N TYR A 90 13.22 -8.09 3.28
CA TYR A 90 13.09 -6.69 2.87
C TYR A 90 12.08 -6.62 1.74
N ALA A 91 11.14 -5.67 1.83
CA ALA A 91 10.08 -5.52 0.85
C ALA A 91 10.05 -4.09 0.33
N SER A 92 9.75 -3.93 -0.96
CA SER A 92 9.72 -2.59 -1.54
C SER A 92 8.61 -1.74 -0.93
N CYS A 93 7.54 -2.36 -0.44
CA CYS A 93 6.52 -1.64 0.32
C CYS A 93 5.83 -2.62 1.26
N GLU A 94 4.86 -2.12 2.00
CA GLU A 94 4.26 -2.89 3.08
C GLU A 94 3.63 -4.17 2.52
N PRO A 95 3.89 -5.33 3.12
CA PRO A 95 3.24 -6.56 2.66
C PRO A 95 1.73 -6.51 2.85
N CYS A 96 1.04 -7.32 2.05
CA CYS A 96 -0.40 -7.48 2.17
C CYS A 96 -0.73 -8.47 3.27
N PRO A 97 -2.01 -8.66 3.59
CA PRO A 97 -2.35 -9.62 4.66
C PRO A 97 -1.89 -11.04 4.36
N MET A 98 -2.01 -11.51 3.12
CA MET A 98 -1.54 -12.85 2.79
C MET A 98 -0.06 -12.99 3.07
N CYS A 99 0.74 -11.99 2.64
CA CYS A 99 2.18 -12.10 2.79
C CYS A 99 2.62 -11.92 4.23
N PHE A 100 1.93 -11.07 5.00
CA PHE A 100 2.18 -11.02 6.44
C PHE A 100 1.95 -12.39 7.07
N GLY A 101 0.89 -13.09 6.65
CA GLY A 101 0.65 -14.42 7.15
C GLY A 101 1.78 -15.37 6.81
N ALA A 102 2.32 -15.25 5.59
CA ALA A 102 3.43 -16.12 5.19
C ALA A 102 4.70 -15.77 5.95
N ILE A 103 4.95 -14.48 6.19
CA ILE A 103 6.11 -14.07 6.97
C ILE A 103 6.03 -14.65 8.38
N HIS A 104 4.84 -14.63 8.98
CA HIS A 104 4.66 -15.21 10.30
CA HIS A 104 4.66 -15.21 10.30
C HIS A 104 4.87 -16.73 10.27
N LEU A 105 4.26 -17.40 9.28
CA LEU A 105 4.41 -18.85 9.19
C LEU A 105 5.87 -19.25 8.97
N SER A 106 6.60 -18.48 8.17
CA SER A 106 7.99 -18.78 7.90
C SER A 106 8.91 -18.49 9.08
N ARG A 107 8.41 -17.80 10.11
CA ARG A 107 9.17 -17.47 11.31
C ARG A 107 10.33 -16.52 11.04
N LEU A 108 10.27 -15.74 9.96
CA LEU A 108 11.25 -14.69 9.75
C LEU A 108 11.32 -13.79 10.97
N LYS A 109 12.53 -13.37 11.33
CA LYS A 109 12.72 -12.65 12.58
C LYS A 109 12.61 -11.13 12.44
N ARG A 110 12.64 -10.59 11.23
CA ARG A 110 12.63 -9.14 11.08
C ARG A 110 12.16 -8.78 9.68
N LEU A 111 11.40 -7.69 9.58
CA LEU A 111 10.89 -7.18 8.31
C LEU A 111 11.25 -5.71 8.19
N VAL A 112 11.76 -5.33 7.02
CA VAL A 112 11.98 -3.93 6.67
C VAL A 112 11.28 -3.68 5.34
N TYR A 113 10.45 -2.63 5.29
CA TYR A 113 9.74 -2.34 4.07
C TYR A 113 9.73 -0.85 3.80
N GLY A 114 9.71 -0.50 2.52
CA GLY A 114 9.64 0.90 2.13
C GLY A 114 8.32 1.53 2.58
N ALA A 115 8.41 2.79 3.01
CA ALA A 115 7.27 3.50 3.57
C ALA A 115 7.27 4.92 3.00
N LYS A 116 6.09 5.53 2.98
CA LYS A 116 5.95 6.84 2.35
C LYS A 116 6.23 7.97 3.33
N ALA A 117 5.65 7.90 4.53
CA ALA A 117 5.81 8.98 5.49
C ALA A 117 7.15 8.90 6.23
N GLU A 118 7.66 7.68 6.45
CA GLU A 118 8.93 7.48 7.15
C GLU A 118 9.95 6.77 6.28
N ALA A 119 9.69 6.66 4.97
CA ALA A 119 10.63 6.11 4.00
C ALA A 119 10.91 4.63 4.17
N ALA A 120 11.10 4.19 5.42
CA ALA A 120 11.30 2.77 5.70
C ALA A 120 10.83 2.48 7.11
N ILE A 121 10.38 1.25 7.32
CA ILE A 121 9.90 0.79 8.62
C ILE A 121 10.50 -0.57 8.90
N ALA A 122 10.91 -0.79 10.15
CA ALA A 122 11.47 -2.05 10.60
C ALA A 122 10.56 -2.62 11.67
N ILE A 123 10.21 -3.91 11.54
CA ILE A 123 9.40 -4.62 12.52
C ILE A 123 10.16 -5.86 12.95
N GLY A 124 10.30 -6.05 14.26
CA GLY A 124 10.95 -7.23 14.81
C GLY A 124 9.91 -8.25 15.25
N PHE A 125 10.16 -9.51 14.90
CA PHE A 125 9.28 -10.61 15.30
C PHE A 125 9.99 -11.52 16.29
N GLY B 7 -16.79 -10.91 3.86
CA GLY B 7 -17.76 -11.92 3.44
C GLY B 7 -18.98 -11.98 4.34
N HIS B 8 -19.87 -12.93 4.06
CA HIS B 8 -21.08 -13.12 4.82
C HIS B 8 -21.37 -14.60 4.95
N GLN B 9 -21.74 -15.04 6.15
CA GLN B 9 -22.00 -16.45 6.38
C GLN B 9 -23.21 -16.91 5.58
N GLN B 10 -23.19 -18.19 5.19
CA GLN B 10 -24.24 -18.79 4.39
C GLN B 10 -24.63 -20.13 5.01
N ALA B 11 -25.70 -20.72 4.47
CA ALA B 11 -26.14 -22.03 4.89
C ALA B 11 -25.32 -23.11 4.19
N VAL B 12 -25.00 -24.17 4.93
CA VAL B 12 -24.35 -25.33 4.35
C VAL B 12 -25.42 -26.23 3.74
N LEU B 13 -25.20 -26.66 2.50
CA LEU B 13 -26.17 -27.46 1.77
C LEU B 13 -25.78 -28.93 1.79
N ASP B 14 -26.77 -29.79 1.51
CA ASP B 14 -26.50 -31.21 1.37
C ASP B 14 -25.45 -31.47 0.30
N SER B 15 -25.44 -30.66 -0.76
CA SER B 15 -24.49 -30.85 -1.84
C SER B 15 -23.06 -30.53 -1.43
N ASP B 16 -22.88 -29.77 -0.34
CA ASP B 16 -21.54 -29.49 0.16
C ASP B 16 -20.90 -30.68 0.84
N HIS B 17 -21.70 -31.66 1.29
CA HIS B 17 -21.18 -32.74 2.11
C HIS B 17 -20.09 -33.52 1.39
N LYS B 18 -20.35 -33.91 0.14
CA LYS B 18 -19.40 -34.77 -0.57
C LYS B 18 -18.05 -34.08 -0.77
N PHE B 19 -18.05 -32.76 -0.97
CA PHE B 19 -16.80 -32.06 -1.23
C PHE B 19 -16.03 -31.79 0.06
N LEU B 20 -16.73 -31.43 1.14
CA LEU B 20 -16.06 -31.31 2.42
C LEU B 20 -15.45 -32.64 2.83
N THR B 21 -16.19 -33.74 2.65
CA THR B 21 -15.65 -35.06 2.97
C THR B 21 -14.41 -35.36 2.15
N GLN B 22 -14.42 -35.02 0.87
CA GLN B 22 -13.26 -35.26 0.03
C GLN B 22 -12.05 -34.46 0.50
N ALA B 23 -12.27 -33.24 1.00
CA ALA B 23 -11.17 -32.46 1.55
C ALA B 23 -10.55 -33.16 2.75
N VAL B 24 -11.38 -33.82 3.57
CA VAL B 24 -10.85 -34.57 4.70
C VAL B 24 -10.10 -35.80 4.21
N GLU B 25 -10.62 -36.46 3.16
CA GLU B 25 -9.89 -37.56 2.55
C GLU B 25 -8.50 -37.12 2.11
N GLU B 26 -8.41 -35.95 1.49
CA GLU B 26 -7.09 -35.41 1.11
C GLU B 26 -6.22 -35.22 2.35
N ALA B 27 -6.79 -34.70 3.43
CA ALA B 27 -6.03 -34.54 4.66
C ALA B 27 -5.43 -35.87 5.12
N TYR B 28 -6.20 -36.95 5.00
CA TYR B 28 -5.71 -38.27 5.39
C TYR B 28 -4.59 -38.73 4.46
N LYS B 29 -4.80 -38.59 3.15
CA LYS B 29 -3.78 -39.00 2.19
C LYS B 29 -2.48 -38.24 2.42
N GLY B 30 -2.58 -36.95 2.75
CA GLY B 30 -1.39 -36.14 2.92
C GLY B 30 -0.57 -36.54 4.14
N VAL B 31 -1.23 -36.66 5.29
CA VAL B 31 -0.50 -37.01 6.51
C VAL B 31 0.01 -38.44 6.42
N ASP B 32 -0.75 -39.33 5.78
CA ASP B 32 -0.36 -40.74 5.74
C ASP B 32 0.94 -40.94 4.97
N CYS B 33 1.15 -40.19 3.89
CA CYS B 33 2.34 -40.34 3.06
C CYS B 33 3.43 -39.34 3.40
N GLY B 34 3.21 -38.47 4.39
CA GLY B 34 4.24 -37.57 4.85
C GLY B 34 4.39 -36.29 4.06
N ASP B 35 3.40 -35.92 3.25
CA ASP B 35 3.49 -34.68 2.49
C ASP B 35 3.40 -33.46 3.40
N GLY B 36 2.65 -33.57 4.49
CA GLY B 36 2.50 -32.45 5.40
C GLY B 36 1.47 -32.78 6.46
N GLY B 37 1.07 -31.75 7.19
CA GLY B 37 0.05 -31.89 8.20
C GLY B 37 -1.25 -32.36 7.59
N PRO B 38 -2.20 -32.94 8.49
CA PRO B 38 -3.48 -33.46 7.97
C PRO B 38 -4.50 -32.36 7.69
N PHE B 39 -4.36 -31.74 6.52
CA PHE B 39 -5.25 -30.66 6.11
C PHE B 39 -5.43 -30.74 4.61
N GLY B 40 -6.69 -30.67 4.15
CA GLY B 40 -6.99 -30.84 2.75
C GLY B 40 -7.91 -29.74 2.25
N ALA B 41 -7.89 -29.56 0.92
CA ALA B 41 -8.69 -28.54 0.28
C ALA B 41 -9.13 -29.02 -1.10
N VAL B 42 -10.37 -28.71 -1.46
CA VAL B 42 -10.94 -29.08 -2.75
C VAL B 42 -11.57 -27.84 -3.36
N ILE B 43 -11.22 -27.55 -4.62
CA ILE B 43 -11.81 -26.45 -5.36
C ILE B 43 -12.75 -27.03 -6.41
N VAL B 44 -13.95 -26.47 -6.50
CA VAL B 44 -15.02 -27.03 -7.31
C VAL B 44 -15.60 -25.95 -8.22
N HIS B 45 -16.05 -26.37 -9.40
CA HIS B 45 -16.79 -25.51 -10.32
C HIS B 45 -17.99 -26.29 -10.84
N LYS B 46 -19.19 -25.83 -10.50
CA LYS B 46 -20.44 -26.43 -10.97
C LYS B 46 -20.42 -27.94 -10.80
N ASN B 47 -20.18 -28.36 -9.55
CA ASN B 47 -20.20 -29.76 -9.15
C ASN B 47 -19.07 -30.56 -9.77
N GLU B 48 -18.08 -29.92 -10.39
CA GLU B 48 -16.93 -30.58 -10.95
C GLU B 48 -15.68 -30.17 -10.17
N VAL B 49 -14.89 -31.15 -9.75
CA VAL B 49 -13.68 -30.89 -8.99
C VAL B 49 -12.61 -30.36 -9.93
N VAL B 50 -12.09 -29.18 -9.63
CA VAL B 50 -11.00 -28.60 -10.41
C VAL B 50 -9.65 -28.96 -9.81
N ALA B 51 -9.57 -29.03 -8.48
CA ALA B 51 -8.33 -29.36 -7.80
C ALA B 51 -8.66 -29.99 -6.46
N SER B 52 -7.88 -31.01 -6.10
CA SER B 52 -8.05 -31.72 -4.83
C SER B 52 -6.66 -31.91 -4.26
N CYS B 53 -6.37 -31.23 -3.14
CA CYS B 53 -5.00 -31.11 -2.66
C CYS B 53 -4.97 -31.21 -1.15
N HIS B 54 -3.76 -31.33 -0.61
CA HIS B 54 -3.53 -31.32 0.83
C HIS B 54 -2.26 -30.52 1.11
N ASN B 55 -1.95 -30.38 2.40
CA ASN B 55 -0.76 -29.66 2.82
C ASN B 55 0.49 -30.34 2.25
N MET B 56 1.37 -29.55 1.65
CA MET B 56 2.59 -30.05 1.01
C MET B 56 3.85 -29.42 1.59
N VAL B 57 3.78 -28.91 2.83
CA VAL B 57 4.91 -28.18 3.39
C VAL B 57 6.17 -29.03 3.39
N LEU B 58 6.06 -30.28 3.86
CA LEU B 58 7.22 -31.14 3.94
C LEU B 58 7.68 -31.58 2.55
N LYS B 59 6.73 -32.00 1.70
CA LYS B 59 7.10 -32.51 0.38
C LYS B 59 7.79 -31.44 -0.46
N TYR B 60 7.29 -30.21 -0.40
CA TYR B 60 7.83 -29.13 -1.22
C TYR B 60 8.86 -28.28 -0.48
N THR B 61 9.10 -28.55 0.80
CA THR B 61 9.96 -27.70 1.61
C THR B 61 9.54 -26.23 1.47
N ASP B 62 8.26 -25.98 1.73
CA ASP B 62 7.62 -24.71 1.43
C ASP B 62 6.59 -24.38 2.50
N PRO B 63 6.84 -23.42 3.39
CA PRO B 63 5.86 -23.11 4.44
C PRO B 63 4.60 -22.45 3.92
N THR B 64 4.58 -21.99 2.66
CA THR B 64 3.38 -21.42 2.08
C THR B 64 2.50 -22.49 1.41
N ALA B 65 2.96 -23.74 1.36
CA ALA B 65 2.24 -24.79 0.65
C ALA B 65 1.16 -25.42 1.51
N HIS B 66 0.31 -24.59 2.12
CA HIS B 66 -0.86 -25.12 2.82
C HIS B 66 -1.83 -25.73 1.82
N ALA B 67 -2.84 -26.43 2.35
CA ALA B 67 -3.81 -27.09 1.48
C ALA B 67 -4.51 -26.09 0.57
N GLU B 68 -4.98 -24.97 1.13
CA GLU B 68 -5.74 -24.01 0.32
C GLU B 68 -4.86 -23.36 -0.72
N VAL B 69 -3.66 -22.90 -0.32
CA VAL B 69 -2.75 -22.28 -1.28
C VAL B 69 -2.41 -23.27 -2.39
N THR B 70 -2.14 -24.52 -2.03
CA THR B 70 -1.80 -25.53 -3.04
C THR B 70 -2.96 -25.73 -4.02
N ALA B 71 -4.19 -25.79 -3.51
CA ALA B 71 -5.34 -25.98 -4.39
C ALA B 71 -5.53 -24.80 -5.31
N ILE B 72 -5.31 -23.59 -4.81
CA ILE B 72 -5.45 -22.39 -5.63
C ILE B 72 -4.41 -22.39 -6.75
N ARG B 73 -3.16 -22.67 -6.39
CA ARG B 73 -2.11 -22.74 -7.40
C ARG B 73 -2.44 -23.78 -8.47
N GLU B 74 -2.95 -24.93 -8.07
CA GLU B 74 -3.26 -25.98 -9.03
C GLU B 74 -4.44 -25.60 -9.91
N ALA B 75 -5.51 -25.07 -9.30
CA ALA B 75 -6.69 -24.70 -10.07
C ALA B 75 -6.37 -23.59 -11.07
N CYS B 76 -5.60 -22.59 -10.65
CA CYS B 76 -5.26 -21.50 -11.55
C CYS B 76 -4.39 -21.98 -12.70
N LYS B 77 -3.49 -22.93 -12.44
CA LYS B 77 -2.68 -23.47 -13.51
C LYS B 77 -3.51 -24.32 -14.46
N LYS B 78 -4.45 -25.09 -13.92
CA LYS B 78 -5.28 -25.96 -14.75
C LYS B 78 -6.22 -25.16 -15.62
N LEU B 79 -6.78 -24.08 -15.09
CA LEU B 79 -7.70 -23.24 -15.83
C LEU B 79 -6.99 -22.11 -16.58
N ASN B 80 -5.71 -21.88 -16.33
CA ASN B 80 -4.97 -20.80 -16.95
C ASN B 80 -5.59 -19.44 -16.63
N GLN B 81 -5.95 -19.26 -15.36
CA GLN B 81 -6.53 -18.02 -14.87
C GLN B 81 -5.90 -17.69 -13.52
N ILE B 82 -5.80 -16.38 -13.24
CA ILE B 82 -5.39 -15.93 -11.91
C ILE B 82 -6.59 -15.58 -11.03
N GLU B 83 -7.80 -15.75 -11.55
CA GLU B 83 -9.01 -15.53 -10.79
C GLU B 83 -9.87 -16.79 -10.83
N LEU B 84 -10.60 -17.04 -9.74
CA LEU B 84 -11.47 -18.21 -9.60
C LEU B 84 -12.84 -17.76 -9.12
N SER B 85 -13.38 -16.71 -9.75
CA SER B 85 -14.64 -16.13 -9.29
C SER B 85 -15.84 -17.03 -9.53
N GLU B 86 -15.70 -18.07 -10.35
CA GLU B 86 -16.79 -19.01 -10.60
C GLU B 86 -16.60 -20.32 -9.83
N CYS B 87 -15.60 -20.40 -8.97
CA CYS B 87 -15.30 -21.61 -8.21
C CYS B 87 -15.54 -21.38 -6.73
N GLU B 88 -15.60 -22.49 -5.99
CA GLU B 88 -15.70 -22.46 -4.54
C GLU B 88 -14.71 -23.47 -3.97
N ILE B 89 -14.34 -23.28 -2.71
CA ILE B 89 -13.29 -24.06 -2.08
C ILE B 89 -13.82 -24.70 -0.81
N TYR B 90 -13.47 -25.97 -0.61
CA TYR B 90 -13.79 -26.69 0.62
C TYR B 90 -12.50 -27.00 1.36
N ALA B 91 -12.47 -26.72 2.65
CA ALA B 91 -11.30 -26.96 3.49
C ALA B 91 -11.67 -27.85 4.67
N SER B 92 -10.74 -28.74 5.05
CA SER B 92 -11.01 -29.66 6.14
C SER B 92 -11.16 -28.92 7.48
N CYS B 93 -10.60 -27.73 7.60
CA CYS B 93 -10.82 -26.91 8.79
C CYS B 93 -10.60 -25.44 8.40
N GLU B 94 -10.74 -24.56 9.38
CA GLU B 94 -10.72 -23.14 9.09
C GLU B 94 -9.37 -22.72 8.51
N PRO B 95 -9.34 -21.94 7.43
CA PRO B 95 -8.06 -21.47 6.90
C PRO B 95 -7.36 -20.52 7.85
N CYS B 96 -6.04 -20.47 7.73
CA CYS B 96 -5.22 -19.55 8.49
C CYS B 96 -5.23 -18.18 7.83
N PRO B 97 -4.65 -17.16 8.47
CA PRO B 97 -4.67 -15.82 7.86
C PRO B 97 -4.04 -15.77 6.47
N MET B 98 -2.90 -16.43 6.27
CA MET B 98 -2.30 -16.46 4.93
C MET B 98 -3.29 -17.01 3.90
N CYS B 99 -3.99 -18.10 4.24
CA CYS B 99 -4.86 -18.75 3.28
C CYS B 99 -6.15 -17.98 3.05
N PHE B 100 -6.67 -17.29 4.08
CA PHE B 100 -7.78 -16.37 3.86
C PHE B 100 -7.37 -15.27 2.88
N GLY B 101 -6.14 -14.76 3.01
CA GLY B 101 -5.67 -13.76 2.08
C GLY B 101 -5.59 -14.29 0.65
N ALA B 102 -5.08 -15.52 0.49
CA ALA B 102 -5.01 -16.12 -0.83
C ALA B 102 -6.40 -16.37 -1.40
N ILE B 103 -7.35 -16.79 -0.54
CA ILE B 103 -8.72 -17.02 -1.00
C ILE B 103 -9.33 -15.72 -1.51
N HIS B 104 -9.11 -14.62 -0.80
CA HIS B 104 -9.63 -13.33 -1.25
C HIS B 104 -8.94 -12.87 -2.54
N LEU B 105 -7.61 -12.93 -2.57
CA LEU B 105 -6.89 -12.50 -3.77
C LEU B 105 -7.31 -13.32 -4.99
N SER B 106 -7.59 -14.61 -4.79
CA SER B 106 -8.01 -15.47 -5.89
C SER B 106 -9.44 -15.23 -6.33
N ARG B 107 -10.21 -14.45 -5.58
CA ARG B 107 -11.59 -14.10 -5.90
C ARG B 107 -12.53 -15.29 -5.82
N LEU B 108 -12.17 -16.35 -5.10
CA LEU B 108 -13.07 -17.48 -4.94
C LEU B 108 -14.42 -17.00 -4.40
N LYS B 109 -15.49 -17.61 -4.90
CA LYS B 109 -16.84 -17.12 -4.62
C LYS B 109 -17.36 -17.57 -3.26
N ARG B 110 -16.94 -18.74 -2.79
CA ARG B 110 -17.56 -19.34 -1.61
C ARG B 110 -16.55 -20.26 -0.92
N LEU B 111 -16.64 -20.31 0.40
CA LEU B 111 -15.76 -21.12 1.22
C LEU B 111 -16.59 -21.94 2.19
N VAL B 112 -16.33 -23.25 2.23
CA VAL B 112 -16.93 -24.15 3.21
C VAL B 112 -15.80 -24.88 3.91
N TYR B 113 -15.79 -24.84 5.24
CA TYR B 113 -14.72 -25.49 5.99
C TYR B 113 -15.27 -26.23 7.20
N GLY B 114 -14.59 -27.30 7.58
CA GLY B 114 -15.00 -28.06 8.75
C GLY B 114 -14.87 -27.23 10.00
N ALA B 115 -15.87 -27.35 10.87
CA ALA B 115 -15.96 -26.55 12.08
C ALA B 115 -16.25 -27.44 13.28
N LYS B 116 -15.64 -27.12 14.42
CA LYS B 116 -15.79 -27.95 15.61
C LYS B 116 -17.15 -27.71 16.27
N ALA B 117 -17.56 -26.45 16.41
CA ALA B 117 -18.81 -26.15 17.08
C ALA B 117 -20.01 -26.34 16.16
N GLU B 118 -19.86 -26.05 14.87
CA GLU B 118 -20.98 -26.06 13.93
C GLU B 118 -20.88 -27.18 12.89
N ALA B 119 -19.88 -28.06 13.01
CA ALA B 119 -19.66 -29.14 12.05
C ALA B 119 -19.13 -28.61 10.73
N ALA B 120 -19.78 -27.59 10.16
CA ALA B 120 -19.29 -26.97 8.94
C ALA B 120 -19.85 -25.56 8.84
N ILE B 121 -19.07 -24.67 8.23
CA ILE B 121 -19.41 -23.27 8.06
C ILE B 121 -19.23 -22.90 6.60
N ALA B 122 -20.16 -22.10 6.07
CA ALA B 122 -20.11 -21.62 4.71
C ALA B 122 -20.03 -20.09 4.71
N ILE B 123 -19.15 -19.55 3.87
CA ILE B 123 -18.96 -18.11 3.75
C ILE B 123 -19.01 -17.73 2.28
N GLY B 124 -19.88 -16.80 1.93
CA GLY B 124 -19.92 -16.23 0.59
C GLY B 124 -19.17 -14.91 0.54
N PHE B 125 -18.46 -14.69 -0.56
CA PHE B 125 -17.64 -13.50 -0.71
C PHE B 125 -18.19 -12.58 -1.79
N ALA C 6 -14.43 6.87 -5.73
CA ALA C 6 -13.75 8.01 -6.31
C ALA C 6 -14.11 8.17 -7.78
N GLY C 7 -13.44 7.41 -8.65
CA GLY C 7 -13.70 7.44 -10.07
C GLY C 7 -14.27 6.14 -10.58
N HIS C 8 -13.88 5.73 -11.78
CA HIS C 8 -14.33 4.48 -12.37
C HIS C 8 -13.13 3.75 -12.97
N GLN C 9 -13.08 2.45 -12.77
CA GLN C 9 -11.95 1.66 -13.25
C GLN C 9 -11.96 1.58 -14.77
N GLN C 10 -10.77 1.71 -15.36
CA GLN C 10 -10.58 1.61 -16.80
C GLN C 10 -9.59 0.50 -17.09
N ALA C 11 -9.44 0.20 -18.38
CA ALA C 11 -8.46 -0.77 -18.83
C ALA C 11 -7.08 -0.14 -18.86
N VAL C 12 -6.08 -0.91 -18.43
CA VAL C 12 -4.69 -0.52 -18.60
C VAL C 12 -4.29 -0.78 -20.05
N LEU C 13 -3.61 0.19 -20.66
CA LEU C 13 -3.15 0.08 -22.03
C LEU C 13 -1.67 -0.32 -22.05
N ASP C 14 -1.28 -1.06 -23.09
CA ASP C 14 0.12 -1.44 -23.22
C ASP C 14 1.01 -0.20 -23.34
N SER C 15 0.47 0.90 -23.86
CA SER C 15 1.20 2.16 -23.93
C SER C 15 1.41 2.79 -22.56
N ASP C 16 0.68 2.33 -21.52
CA ASP C 16 0.91 2.79 -20.16
C ASP C 16 2.16 2.18 -19.54
N HIS C 17 2.61 1.04 -20.05
CA HIS C 17 3.63 0.25 -19.35
C HIS C 17 4.92 1.05 -19.20
N LYS C 18 5.38 1.70 -20.27
CA LYS C 18 6.65 2.40 -20.20
C LYS C 18 6.62 3.53 -19.16
N PHE C 19 5.46 4.16 -18.96
CA PHE C 19 5.39 5.24 -18.00
C PHE C 19 5.30 4.71 -16.57
N LEU C 20 4.62 3.58 -16.38
CA LEU C 20 4.63 2.93 -15.08
C LEU C 20 6.03 2.46 -14.72
N THR C 21 6.73 1.87 -15.69
CA THR C 21 8.11 1.43 -15.45
C THR C 21 8.99 2.62 -15.07
N GLN C 22 8.81 3.76 -15.73
CA GLN C 22 9.61 4.93 -15.40
C GLN C 22 9.32 5.40 -13.97
N ALA C 23 8.07 5.30 -13.54
CA ALA C 23 7.73 5.67 -12.16
C ALA C 23 8.44 4.77 -11.16
N VAL C 24 8.60 3.49 -11.50
CA VAL C 24 9.32 2.58 -10.62
C VAL C 24 10.81 2.88 -10.65
N GLU C 25 11.33 3.30 -11.81
CA GLU C 25 12.72 3.76 -11.86
C GLU C 25 12.93 4.93 -10.92
N GLU C 26 12.00 5.89 -10.90
CA GLU C 26 12.09 6.99 -9.96
C GLU C 26 12.08 6.49 -8.52
N ALA C 27 11.23 5.48 -8.23
CA ALA C 27 11.22 4.89 -6.90
C ALA C 27 12.60 4.37 -6.52
N TYR C 28 13.28 3.69 -7.46
CA TYR C 28 14.63 3.20 -7.18
C TYR C 28 15.61 4.35 -7.00
N LYS C 29 15.60 5.31 -7.93
CA LYS C 29 16.49 6.46 -7.81
C LYS C 29 16.32 7.14 -6.45
N GLY C 30 15.08 7.35 -6.03
CA GLY C 30 14.84 8.09 -4.80
C GLY C 30 15.38 7.37 -3.58
N VAL C 31 15.04 6.08 -3.44
CA VAL C 31 15.47 5.33 -2.27
C VAL C 31 16.99 5.15 -2.27
N ASP C 32 17.59 5.02 -3.46
CA ASP C 32 19.02 4.76 -3.53
C ASP C 32 19.83 5.94 -2.99
N CYS C 33 19.39 7.17 -3.27
CA CYS C 33 20.11 8.36 -2.83
C CYS C 33 19.54 8.95 -1.54
N GLY C 34 18.54 8.32 -0.95
CA GLY C 34 18.00 8.76 0.33
C GLY C 34 17.05 9.94 0.26
N ASP C 35 16.49 10.24 -0.91
CA ASP C 35 15.50 11.32 -1.00
C ASP C 35 14.25 10.98 -0.22
N GLY C 36 13.87 9.71 -0.17
CA GLY C 36 12.69 9.31 0.56
C GLY C 36 12.43 7.84 0.36
N GLY C 37 11.20 7.42 0.66
CA GLY C 37 10.80 6.05 0.46
C GLY C 37 10.75 5.71 -1.02
N PRO C 38 10.77 4.37 -1.35
CA PRO C 38 10.78 3.94 -2.76
C PRO C 38 9.41 4.06 -3.43
N PHE C 39 9.08 5.29 -3.83
CA PHE C 39 7.81 5.58 -4.49
C PHE C 39 8.03 6.65 -5.52
N GLY C 40 7.54 6.42 -6.74
CA GLY C 40 7.74 7.34 -7.84
C GLY C 40 6.43 7.66 -8.54
N ALA C 41 6.45 8.76 -9.28
CA ALA C 41 5.28 9.21 -10.03
C ALA C 41 5.73 9.90 -11.30
N VAL C 42 4.96 9.71 -12.37
CA VAL C 42 5.22 10.32 -13.66
C VAL C 42 3.93 10.90 -14.20
N ILE C 43 4.00 12.12 -14.72
CA ILE C 43 2.86 12.80 -15.33
C ILE C 43 3.15 12.98 -16.81
N VAL C 44 2.17 12.65 -17.65
CA VAL C 44 2.33 12.64 -19.09
C VAL C 44 1.27 13.53 -19.72
N HIS C 45 1.66 14.25 -20.77
CA HIS C 45 0.73 15.06 -21.56
C HIS C 45 0.92 14.69 -23.03
N LYS C 46 -0.08 14.03 -23.61
CA LYS C 46 -0.03 13.65 -25.03
C LYS C 46 1.22 12.84 -25.35
N ASN C 47 1.42 11.78 -24.59
CA ASN C 47 2.52 10.83 -24.77
C ASN C 47 3.89 11.46 -24.52
N GLU C 48 3.96 12.63 -23.92
CA GLU C 48 5.21 13.28 -23.56
C GLU C 48 5.27 13.46 -22.05
N VAL C 49 6.40 13.08 -21.46
CA VAL C 49 6.57 13.19 -20.01
C VAL C 49 6.70 14.66 -19.64
N VAL C 50 5.92 15.10 -18.66
CA VAL C 50 5.93 16.48 -18.20
C VAL C 50 6.62 16.57 -16.84
N ALA C 51 6.54 15.49 -16.06
CA ALA C 51 7.21 15.45 -14.76
C ALA C 51 7.52 14.01 -14.39
N SER C 52 8.71 13.80 -13.83
CA SER C 52 9.17 12.48 -13.41
C SER C 52 9.85 12.65 -12.06
N CYS C 53 9.20 12.18 -10.99
CA CYS C 53 9.62 12.49 -9.63
C CYS C 53 9.50 11.27 -8.75
N HIS C 54 9.97 11.41 -7.51
CA HIS C 54 9.84 10.39 -6.48
C HIS C 54 9.61 11.08 -5.14
N ASN C 55 9.39 10.26 -4.11
CA ASN C 55 9.22 10.77 -2.76
C ASN C 55 10.41 11.61 -2.35
N MET C 56 10.14 12.83 -1.84
CA MET C 56 11.18 13.76 -1.42
C MET C 56 11.04 14.15 0.04
N VAL C 57 10.38 13.32 0.85
CA VAL C 57 10.10 13.70 2.24
C VAL C 57 11.40 14.03 2.98
N LEU C 58 12.40 13.15 2.87
CA LEU C 58 13.64 13.37 3.60
C LEU C 58 14.46 14.50 2.98
N LYS C 59 14.55 14.54 1.65
CA LYS C 59 15.36 15.56 1.00
C LYS C 59 14.84 16.97 1.32
N TYR C 60 13.52 17.15 1.28
CA TYR C 60 12.91 18.45 1.48
C TYR C 60 12.44 18.69 2.91
N THR C 61 12.57 17.69 3.78
CA THR C 61 12.03 17.78 5.14
C THR C 61 10.57 18.22 5.09
N ASP C 62 9.78 17.49 4.32
CA ASP C 62 8.42 17.87 3.98
C ASP C 62 7.52 16.65 3.95
N PRO C 63 6.63 16.46 4.93
CA PRO C 63 5.75 15.29 4.92
C PRO C 63 4.74 15.29 3.78
N THR C 64 4.52 16.42 3.10
CA THR C 64 3.62 16.46 1.96
C THR C 64 4.33 16.14 0.65
N ALA C 65 5.65 15.98 0.67
CA ALA C 65 6.42 15.79 -0.56
C ALA C 65 6.39 14.35 -1.04
N HIS C 66 5.21 13.73 -1.05
CA HIS C 66 5.09 12.41 -1.64
C HIS C 66 5.35 12.47 -3.14
N ALA C 67 5.49 11.29 -3.75
CA ALA C 67 5.82 11.22 -5.17
C ALA C 67 4.76 11.92 -6.01
N GLU C 68 3.48 11.65 -5.75
CA GLU C 68 2.41 12.23 -6.55
C GLU C 68 2.33 13.74 -6.37
N VAL C 69 2.41 14.21 -5.12
CA VAL C 69 2.40 15.64 -4.87
C VAL C 69 3.57 16.31 -5.56
N THR C 70 4.77 15.72 -5.45
CA THR C 70 5.95 16.32 -6.06
C THR C 70 5.79 16.41 -7.58
N ALA C 71 5.28 15.34 -8.20
CA ALA C 71 5.11 15.36 -9.65
C ALA C 71 4.11 16.43 -10.07
N ILE C 72 3.00 16.55 -9.34
CA ILE C 72 2.01 17.57 -9.64
C ILE C 72 2.64 18.96 -9.56
N ARG C 73 3.45 19.20 -8.52
CA ARG C 73 4.09 20.50 -8.36
C ARG C 73 4.99 20.82 -9.54
N GLU C 74 5.81 19.84 -9.96
CA GLU C 74 6.76 20.10 -11.05
C GLU C 74 6.04 20.24 -12.39
N ALA C 75 5.00 19.42 -12.62
CA ALA C 75 4.27 19.52 -13.88
C ALA C 75 3.57 20.87 -14.00
N CYS C 76 2.92 21.32 -12.93
CA CYS C 76 2.21 22.59 -12.97
C CYS C 76 3.17 23.75 -13.22
N LYS C 77 4.32 23.75 -12.55
CA LYS C 77 5.31 24.78 -12.79
C LYS C 77 5.83 24.72 -14.23
N LYS C 78 6.06 23.51 -14.74
CA LYS C 78 6.55 23.35 -16.10
C LYS C 78 5.54 23.90 -17.11
N LEU C 79 4.27 23.50 -16.97
CA LEU C 79 3.23 23.95 -17.89
C LEU C 79 2.72 25.35 -17.56
N ASN C 80 3.05 25.89 -16.39
CA ASN C 80 2.52 27.18 -15.95
C ASN C 80 0.99 27.11 -15.87
N GLN C 81 0.49 26.03 -15.27
CA GLN C 81 -0.94 25.82 -15.09
C GLN C 81 -1.17 25.32 -13.66
N ILE C 82 -2.34 25.65 -13.11
CA ILE C 82 -2.73 25.12 -11.81
C ILE C 82 -3.70 23.95 -11.92
N GLU C 83 -3.98 23.50 -13.14
CA GLU C 83 -4.76 22.29 -13.37
C GLU C 83 -4.10 21.49 -14.48
N LEU C 84 -4.29 20.17 -14.43
CA LEU C 84 -3.70 19.24 -15.38
C LEU C 84 -4.78 18.34 -16.00
N SER C 85 -5.87 18.96 -16.44
CA SER C 85 -7.02 18.20 -16.90
C SER C 85 -6.77 17.44 -18.20
N GLU C 86 -5.68 17.73 -18.91
CA GLU C 86 -5.31 16.99 -20.11
C GLU C 86 -4.14 16.06 -19.87
N CYS C 87 -3.76 15.81 -18.62
CA CYS C 87 -2.64 14.95 -18.28
C CYS C 87 -3.12 13.73 -17.51
N GLU C 88 -2.26 12.72 -17.46
CA GLU C 88 -2.49 11.52 -16.68
C GLU C 88 -1.26 11.26 -15.82
N ILE C 89 -1.48 10.62 -14.68
CA ILE C 89 -0.42 10.39 -13.71
C ILE C 89 -0.20 8.89 -13.54
N TYR C 90 1.06 8.50 -13.46
CA TYR C 90 1.47 7.12 -13.22
C TYR C 90 2.18 7.06 -11.87
N ALA C 91 1.78 6.13 -11.02
CA ALA C 91 2.37 5.95 -9.69
C ALA C 91 2.86 4.52 -9.54
N SER C 92 4.00 4.35 -8.89
CA SER C 92 4.55 3.01 -8.74
C SER C 92 3.69 2.12 -7.84
N CYS C 93 2.86 2.70 -6.98
CA CYS C 93 1.84 1.95 -6.28
C CYS C 93 0.68 2.89 -5.96
N GLU C 94 -0.31 2.38 -5.24
CA GLU C 94 -1.56 3.12 -5.06
C GLU C 94 -1.30 4.39 -4.25
N PRO C 95 -1.82 5.55 -4.68
CA PRO C 95 -1.64 6.77 -3.88
C PRO C 95 -2.33 6.67 -2.53
N CYS C 96 -1.82 7.46 -1.59
CA CYS C 96 -2.41 7.56 -0.27
C CYS C 96 -3.59 8.53 -0.30
N PRO C 97 -4.34 8.64 0.79
CA PRO C 97 -5.48 9.57 0.81
C PRO C 97 -5.09 11.01 0.49
N MET C 98 -3.98 11.51 1.05
CA MET C 98 -3.54 12.86 0.74
C MET C 98 -3.32 13.04 -0.75
N CYS C 99 -2.65 12.07 -1.39
CA CYS C 99 -2.30 12.21 -2.80
C CYS C 99 -3.51 12.03 -3.71
N PHE C 100 -4.47 11.19 -3.32
CA PHE C 100 -5.73 11.15 -4.06
C PHE C 100 -6.42 12.52 -4.00
N GLY C 101 -6.39 13.17 -2.84
CA GLY C 101 -6.95 14.51 -2.75
C GLY C 101 -6.25 15.49 -3.66
N ALA C 102 -4.91 15.44 -3.70
CA ALA C 102 -4.16 16.34 -4.57
C ALA C 102 -4.41 16.02 -6.04
N ILE C 103 -4.53 14.74 -6.37
CA ILE C 103 -4.86 14.36 -7.75
C ILE C 103 -6.21 14.97 -8.15
N HIS C 104 -7.17 14.97 -7.23
CA HIS C 104 -8.48 15.56 -7.53
C HIS C 104 -8.38 17.08 -7.67
N LEU C 105 -7.65 17.73 -6.77
CA LEU C 105 -7.49 19.18 -6.86
C LEU C 105 -6.81 19.59 -8.16
N SER C 106 -5.84 18.80 -8.61
CA SER C 106 -5.12 19.12 -9.85
C SER C 106 -5.96 18.87 -11.09
N ARG C 107 -7.07 18.15 -10.98
CA ARG C 107 -7.98 17.87 -12.09
C ARG C 107 -7.42 16.84 -13.07
N LEU C 108 -6.38 16.11 -12.68
CA LEU C 108 -5.87 15.03 -13.53
C LEU C 108 -7.00 14.10 -13.93
N LYS C 109 -7.00 13.67 -15.18
CA LYS C 109 -8.13 12.92 -15.73
C LYS C 109 -7.97 11.40 -15.60
N ARG C 110 -6.75 10.90 -15.39
CA ARG C 110 -6.53 9.47 -15.41
C ARG C 110 -5.34 9.12 -14.51
N LEU C 111 -5.45 8.01 -13.80
CA LEU C 111 -4.41 7.50 -12.91
C LEU C 111 -4.14 6.04 -13.23
N VAL C 112 -2.86 5.69 -13.32
CA VAL C 112 -2.42 4.31 -13.45
C VAL C 112 -1.40 4.04 -12.35
N TYR C 113 -1.61 2.96 -11.59
CA TYR C 113 -0.68 2.66 -10.51
C TYR C 113 -0.41 1.16 -10.48
N GLY C 114 0.80 0.82 -10.01
CA GLY C 114 1.19 -0.58 -9.94
C GLY C 114 0.35 -1.33 -8.92
N ALA C 115 0.01 -2.58 -9.26
CA ALA C 115 -0.91 -3.37 -8.45
C ALA C 115 -0.37 -4.78 -8.28
N LYS C 116 -0.63 -5.35 -7.10
CA LYS C 116 -0.05 -6.64 -6.73
C LYS C 116 -0.85 -7.79 -7.33
N ALA C 117 -2.17 -7.74 -7.20
CA ALA C 117 -3.03 -8.79 -7.76
C ALA C 117 -3.26 -8.60 -9.26
N GLU C 118 -3.28 -7.35 -9.72
CA GLU C 118 -3.67 -7.03 -11.09
C GLU C 118 -2.51 -6.48 -11.93
N ALA C 119 -1.30 -6.41 -11.37
CA ALA C 119 -0.13 -5.86 -12.05
C ALA C 119 -0.23 -4.34 -12.18
N ALA C 120 -1.34 -3.85 -12.74
CA ALA C 120 -1.58 -2.42 -12.82
C ALA C 120 -3.07 -2.16 -12.85
N ILE C 121 -3.47 -1.01 -12.33
CA ILE C 121 -4.86 -0.57 -12.32
C ILE C 121 -4.94 0.81 -12.94
N ALA C 122 -6.01 1.06 -13.69
CA ALA C 122 -6.27 2.38 -14.28
C ALA C 122 -7.59 2.90 -13.76
N ILE C 123 -7.62 4.19 -13.41
CA ILE C 123 -8.81 4.84 -12.89
C ILE C 123 -9.01 6.15 -13.65
N GLY C 124 -10.22 6.32 -14.20
CA GLY C 124 -10.61 7.57 -14.82
C GLY C 124 -11.45 8.38 -13.85
N PHE C 125 -11.27 9.69 -13.89
CA PHE C 125 -11.94 10.61 -12.98
C PHE C 125 -12.92 11.48 -13.78
N ASP C 126 -14.15 11.60 -13.28
CA ASP C 126 -15.16 12.39 -13.95
C ASP C 126 -16.28 12.75 -12.98
N GLY D 7 -9.95 10.80 14.17
CA GLY D 7 -9.83 11.76 15.25
C GLY D 7 -11.08 11.89 16.07
N HIS D 8 -10.98 12.56 17.21
CA HIS D 8 -12.10 12.75 18.13
C HIS D 8 -12.28 14.23 18.40
N GLN D 9 -13.50 14.72 18.28
CA GLN D 9 -13.80 16.12 18.51
C GLN D 9 -13.63 16.47 20.00
N GLN D 10 -13.37 17.74 20.26
CA GLN D 10 -13.22 18.23 21.62
C GLN D 10 -13.54 19.72 21.64
N ALA D 11 -13.64 20.26 22.85
CA ALA D 11 -14.10 21.63 23.02
C ALA D 11 -13.06 22.64 22.53
N VAL D 12 -13.55 23.80 22.11
CA VAL D 12 -12.70 24.93 21.76
C VAL D 12 -12.50 25.77 23.02
N LEU D 13 -11.33 26.40 23.10
CA LEU D 13 -10.95 27.18 24.27
C LEU D 13 -10.88 28.66 23.93
N ASP D 14 -11.00 29.49 24.97
CA ASP D 14 -10.82 30.93 24.79
C ASP D 14 -9.43 31.23 24.24
N SER D 15 -8.44 30.41 24.58
CA SER D 15 -7.08 30.58 24.08
C SER D 15 -6.94 30.25 22.60
N ASP D 16 -7.96 29.64 21.98
CA ASP D 16 -7.91 29.27 20.58
C ASP D 16 -8.34 30.40 19.66
N HIS D 17 -9.07 31.40 20.17
CA HIS D 17 -9.63 32.42 19.31
C HIS D 17 -8.54 33.28 18.67
N LYS D 18 -7.55 33.69 19.45
CA LYS D 18 -6.49 34.55 18.91
C LYS D 18 -5.82 33.90 17.71
N PHE D 19 -5.67 32.57 17.72
CA PHE D 19 -5.05 31.89 16.60
C PHE D 19 -6.02 31.67 15.45
N LEU D 20 -7.30 31.45 15.75
CA LEU D 20 -8.30 31.41 14.69
C LEU D 20 -8.39 32.74 13.96
N THR D 21 -8.45 33.84 14.73
CA THR D 21 -8.48 35.16 14.11
C THR D 21 -7.19 35.43 13.32
N GLN D 22 -6.06 34.90 13.80
CA GLN D 22 -4.80 35.09 13.07
C GLN D 22 -4.84 34.37 11.73
N ALA D 23 -5.42 33.16 11.69
CA ALA D 23 -5.56 32.46 10.42
C ALA D 23 -6.46 33.23 9.46
N VAL D 24 -7.50 33.89 9.99
CA VAL D 24 -8.36 34.72 9.15
C VAL D 24 -7.58 35.92 8.63
N GLU D 25 -6.87 36.63 9.52
CA GLU D 25 -6.01 37.72 9.07
C GLU D 25 -5.03 37.25 8.01
N GLU D 26 -4.54 36.01 8.16
CA GLU D 26 -3.65 35.45 7.16
C GLU D 26 -4.37 35.23 5.83
N ALA D 27 -5.66 34.87 5.90
CA ALA D 27 -6.43 34.68 4.68
C ALA D 27 -6.60 36.00 3.92
N TYR D 28 -6.90 37.09 4.63
CA TYR D 28 -7.03 38.39 3.98
C TYR D 28 -5.69 38.85 3.42
N LYS D 29 -4.60 38.64 4.15
CA LYS D 29 -3.28 38.98 3.63
C LYS D 29 -3.01 38.27 2.31
N GLY D 30 -3.39 37.00 2.20
CA GLY D 30 -3.11 36.24 1.00
C GLY D 30 -3.78 36.82 -0.24
N VAL D 31 -5.05 37.18 -0.13
CA VAL D 31 -5.76 37.72 -1.29
C VAL D 31 -5.25 39.11 -1.62
N ASP D 32 -4.72 39.84 -0.64
CA ASP D 32 -4.29 41.22 -0.88
C ASP D 32 -3.10 41.27 -1.82
N CYS D 33 -2.19 40.31 -1.71
CA CYS D 33 -1.03 40.25 -2.61
C CYS D 33 -1.21 39.27 -3.74
N GLY D 34 -2.38 38.63 -3.85
CA GLY D 34 -2.65 37.73 -4.96
C GLY D 34 -1.99 36.38 -4.84
N ASP D 35 -1.55 35.98 -3.65
CA ASP D 35 -0.88 34.69 -3.50
C ASP D 35 -1.85 33.54 -3.80
N GLY D 36 -3.08 33.65 -3.33
CA GLY D 36 -4.04 32.59 -3.54
C GLY D 36 -5.40 32.98 -3.00
N GLY D 37 -6.21 31.96 -2.70
CA GLY D 37 -7.55 32.17 -2.21
C GLY D 37 -7.56 32.63 -0.77
N PRO D 38 -8.82 32.98 -0.25
CA PRO D 38 -8.98 33.46 1.15
C PRO D 38 -8.96 32.33 2.15
N PHE D 39 -7.78 31.78 2.39
CA PHE D 39 -7.60 30.66 3.31
C PHE D 39 -6.30 30.85 4.08
N GLY D 40 -6.36 30.68 5.39
CA GLY D 40 -5.20 30.87 6.23
C GLY D 40 -5.05 29.73 7.22
N ALA D 41 -3.81 29.55 7.68
CA ALA D 41 -3.49 28.47 8.59
C ALA D 41 -2.39 28.90 9.54
N VAL D 42 -2.47 28.46 10.79
CA VAL D 42 -1.48 28.76 11.82
C VAL D 42 -1.15 27.48 12.56
N ILE D 43 0.14 27.23 12.76
CA ILE D 43 0.63 26.08 13.51
C ILE D 43 1.28 26.61 14.78
N VAL D 44 0.85 26.08 15.93
CA VAL D 44 1.25 26.59 17.24
C VAL D 44 1.91 25.47 18.03
N HIS D 45 2.94 25.83 18.80
CA HIS D 45 3.58 24.93 19.75
C HIS D 45 3.65 25.65 21.10
N LYS D 46 2.79 25.23 22.03
CA LYS D 46 2.80 25.76 23.39
C LYS D 46 2.68 27.28 23.39
N ASN D 47 1.58 27.77 22.82
CA ASN D 47 1.20 29.18 22.79
C ASN D 47 2.10 30.01 21.88
N GLU D 48 3.11 29.42 21.25
CA GLU D 48 4.01 30.13 20.34
C GLU D 48 3.69 29.73 18.91
N VAL D 49 3.55 30.73 18.03
CA VAL D 49 3.28 30.45 16.63
C VAL D 49 4.56 29.94 15.96
N VAL D 50 4.46 28.77 15.33
CA VAL D 50 5.57 28.21 14.59
C VAL D 50 5.56 28.67 13.14
N ALA D 51 4.40 28.65 12.51
CA ALA D 51 4.26 29.09 11.13
C ALA D 51 2.90 29.73 10.94
N SER D 52 2.86 30.79 10.12
CA SER D 52 1.62 31.47 9.78
C SER D 52 1.60 31.65 8.27
N CYS D 53 0.65 31.01 7.60
CA CYS D 53 0.65 30.92 6.15
C CYS D 53 -0.77 31.00 5.60
N HIS D 54 -0.86 31.31 4.30
CA HIS D 54 -2.12 31.36 3.58
C HIS D 54 -1.99 30.56 2.30
N ASN D 55 -3.09 30.48 1.55
CA ASN D 55 -3.10 29.79 0.27
C ASN D 55 -2.09 30.42 -0.67
N MET D 56 -1.24 29.59 -1.29
CA MET D 56 -0.20 30.05 -2.19
C MET D 56 -0.35 29.43 -3.58
N VAL D 57 -1.57 29.05 -3.95
CA VAL D 57 -1.78 28.34 -5.21
C VAL D 57 -1.31 29.18 -6.38
N LEU D 58 -1.70 30.45 -6.41
CA LEU D 58 -1.35 31.32 -7.53
C LEU D 58 0.12 31.74 -7.48
N LYS D 59 0.63 32.01 -6.28
CA LYS D 59 2.02 32.44 -6.16
C LYS D 59 2.98 31.35 -6.60
N TYR D 60 2.74 30.12 -6.16
CA TYR D 60 3.61 29.00 -6.47
C TYR D 60 3.20 28.27 -7.75
N THR D 61 2.08 28.63 -8.37
CA THR D 61 1.53 27.86 -9.47
C THR D 61 1.41 26.39 -9.06
N ASP D 62 0.78 26.18 -7.90
CA ASP D 62 0.76 24.89 -7.24
C ASP D 62 -0.61 24.64 -6.62
N PRO D 63 -1.43 23.76 -7.21
CA PRO D 63 -2.78 23.54 -6.66
C PRO D 63 -2.80 22.82 -5.32
N THR D 64 -1.69 22.22 -4.91
CA THR D 64 -1.59 21.62 -3.58
C THR D 64 -1.22 22.63 -2.51
N ALA D 65 -0.90 23.87 -2.89
CA ALA D 65 -0.41 24.86 -1.94
C ALA D 65 -1.56 25.51 -1.17
N HIS D 66 -2.44 24.69 -0.59
CA HIS D 66 -3.44 25.20 0.33
C HIS D 66 -2.77 25.80 1.56
N ALA D 67 -3.53 26.60 2.29
CA ALA D 67 -2.98 27.23 3.49
C ALA D 67 -2.48 26.18 4.48
N GLU D 68 -3.24 25.10 4.67
CA GLU D 68 -2.85 24.07 5.61
C GLU D 68 -1.55 23.39 5.18
N VAL D 69 -1.50 22.96 3.92
CA VAL D 69 -0.27 22.34 3.40
C VAL D 69 0.91 23.29 3.53
N THR D 70 0.70 24.57 3.19
CA THR D 70 1.80 25.53 3.22
C THR D 70 2.32 25.70 4.65
N ALA D 71 1.41 25.77 5.63
CA ALA D 71 1.84 25.92 7.02
C ALA D 71 2.66 24.72 7.47
N ILE D 72 2.19 23.51 7.14
CA ILE D 72 2.92 22.30 7.52
C ILE D 72 4.32 22.32 6.91
N ARG D 73 4.42 22.68 5.62
CA ARG D 73 5.72 22.74 4.97
C ARG D 73 6.65 23.71 5.69
N GLU D 74 6.16 24.92 5.98
CA GLU D 74 7.01 25.93 6.61
C GLU D 74 7.38 25.53 8.03
N ALA D 75 6.43 24.98 8.79
CA ALA D 75 6.72 24.56 10.15
C ALA D 75 7.77 23.46 10.18
N CYS D 76 7.64 22.48 9.28
CA CYS D 76 8.60 21.38 9.24
C CYS D 76 10.00 21.87 8.89
N LYS D 77 10.08 22.83 7.96
CA LYS D 77 11.39 23.34 7.56
C LYS D 77 12.04 24.14 8.68
N LYS D 78 11.25 24.96 9.39
CA LYS D 78 11.80 25.77 10.47
C LYS D 78 12.29 24.90 11.61
N LEU D 79 11.55 23.85 11.96
CA LEU D 79 11.91 22.96 13.04
C LEU D 79 12.84 21.83 12.60
N ASN D 80 13.05 21.65 11.30
CA ASN D 80 13.85 20.55 10.78
C ASN D 80 13.30 19.21 11.26
N GLN D 81 11.99 19.05 11.12
CA GLN D 81 11.29 17.82 11.44
C GLN D 81 10.30 17.51 10.34
N ILE D 82 10.00 16.22 10.15
CA ILE D 82 8.95 15.79 9.25
C ILE D 82 7.71 15.35 10.01
N GLU D 83 7.67 15.59 11.32
CA GLU D 83 6.52 15.27 12.15
C GLU D 83 6.33 16.39 13.16
N LEU D 84 5.07 16.71 13.46
CA LEU D 84 4.71 17.82 14.35
C LEU D 84 3.76 17.33 15.44
N SER D 85 4.14 16.24 16.10
CA SER D 85 3.23 15.61 17.06
C SER D 85 3.03 16.45 18.32
N GLU D 86 3.92 17.41 18.60
CA GLU D 86 3.77 18.32 19.72
C GLU D 86 3.17 19.66 19.31
N CYS D 87 2.42 19.68 18.20
CA CYS D 87 1.89 20.91 17.66
C CYS D 87 0.41 20.75 17.34
N GLU D 88 -0.24 21.89 17.10
CA GLU D 88 -1.62 21.93 16.66
C GLU D 88 -1.73 22.95 15.53
N ILE D 89 -2.76 22.81 14.71
CA ILE D 89 -2.94 23.62 13.51
C ILE D 89 -4.29 24.32 13.59
N TYR D 90 -4.30 25.61 13.26
CA TYR D 90 -5.51 26.41 13.17
C TYR D 90 -5.75 26.78 11.72
N ALA D 91 -7.00 26.67 11.28
CA ALA D 91 -7.37 26.94 9.90
C ALA D 91 -8.62 27.79 9.84
N SER D 92 -8.67 28.71 8.88
CA SER D 92 -9.85 29.54 8.70
C SER D 92 -11.03 28.77 8.11
N CYS D 93 -10.81 27.56 7.62
CA CYS D 93 -11.85 26.79 6.94
C CYS D 93 -11.69 25.32 7.28
N GLU D 94 -12.72 24.55 6.96
CA GLU D 94 -12.67 23.10 7.11
C GLU D 94 -11.69 22.52 6.10
N PRO D 95 -10.65 21.79 6.51
CA PRO D 95 -9.70 21.27 5.53
C PRO D 95 -10.33 20.28 4.56
N CYS D 96 -9.72 20.17 3.39
CA CYS D 96 -10.19 19.28 2.34
C CYS D 96 -9.55 17.90 2.52
N PRO D 97 -9.93 16.90 1.72
CA PRO D 97 -9.31 15.58 1.89
C PRO D 97 -7.80 15.60 1.79
N MET D 98 -7.23 16.36 0.85
CA MET D 98 -5.77 16.45 0.78
C MET D 98 -5.18 17.00 2.06
N CYS D 99 -5.75 18.10 2.56
CA CYS D 99 -5.20 18.75 3.75
C CYS D 99 -5.38 17.89 4.99
N PHE D 100 -6.50 17.18 5.09
CA PHE D 100 -6.67 16.24 6.19
C PHE D 100 -5.64 15.11 6.12
N GLY D 101 -5.32 14.66 4.91
CA GLY D 101 -4.28 13.66 4.76
C GLY D 101 -2.91 14.16 5.17
N ALA D 102 -2.62 15.44 4.93
CA ALA D 102 -1.36 16.02 5.35
C ALA D 102 -1.32 16.22 6.86
N ILE D 103 -2.46 16.61 7.46
CA ILE D 103 -2.54 16.73 8.90
C ILE D 103 -2.25 15.38 9.57
N HIS D 104 -2.85 14.31 9.03
CA HIS D 104 -2.61 12.99 9.59
CA HIS D 104 -2.60 12.99 9.58
C HIS D 104 -1.15 12.57 9.39
N LEU D 105 -0.60 12.81 8.20
CA LEU D 105 0.77 12.39 7.93
C LEU D 105 1.78 13.20 8.75
N SER D 106 1.49 14.47 9.02
CA SER D 106 2.38 15.29 9.83
C SER D 106 2.23 15.05 11.32
N ARG D 107 1.31 14.16 11.72
CA ARG D 107 1.14 13.75 13.12
C ARG D 107 0.66 14.89 14.01
N LEU D 108 0.13 15.97 13.43
CA LEU D 108 -0.38 17.07 14.23
C LEU D 108 -1.32 16.56 15.32
N LYS D 109 -1.20 17.14 16.51
CA LYS D 109 -1.94 16.65 17.66
C LYS D 109 -3.40 17.11 17.64
N ARG D 110 -3.66 18.33 17.20
CA ARG D 110 -5.01 18.87 17.26
C ARG D 110 -5.24 19.79 16.07
N LEU D 111 -6.50 19.85 15.64
CA LEU D 111 -6.95 20.76 14.59
C LEU D 111 -8.09 21.60 15.13
N VAL D 112 -8.05 22.90 14.84
CA VAL D 112 -9.14 23.82 15.17
C VAL D 112 -9.40 24.66 13.93
N TYR D 113 -10.64 24.68 13.46
CA TYR D 113 -10.97 25.42 12.26
C TYR D 113 -12.34 26.08 12.42
N GLY D 114 -12.51 27.20 11.71
CA GLY D 114 -13.73 27.97 11.75
C GLY D 114 -13.56 29.34 11.15
N ALA D 115 -14.63 29.89 10.57
CA ALA D 115 -14.57 31.19 9.93
C ALA D 115 -15.24 32.24 10.80
N GLU D 118 -17.68 32.15 18.15
CA GLU D 118 -17.53 31.84 16.73
C GLU D 118 -17.67 30.33 16.50
N ALA D 119 -18.33 29.97 15.38
CA ALA D 119 -18.61 28.58 15.10
C ALA D 119 -17.34 27.81 14.71
N ALA D 120 -16.44 27.62 15.68
CA ALA D 120 -15.21 26.88 15.46
C ALA D 120 -15.39 25.42 15.88
N ILE D 121 -14.56 24.56 15.29
CA ILE D 121 -14.54 23.14 15.58
C ILE D 121 -13.12 22.74 15.94
N ALA D 122 -12.98 21.82 16.88
CA ALA D 122 -11.68 21.31 17.29
C ALA D 122 -11.68 19.80 17.22
N ILE D 123 -10.56 19.22 16.76
CA ILE D 123 -10.41 17.78 16.62
C ILE D 123 -9.06 17.37 17.15
N GLY D 124 -9.03 16.35 18.02
CA GLY D 124 -7.80 15.76 18.47
C GLY D 124 -7.51 14.46 17.76
N PHE D 125 -6.24 14.09 17.71
CA PHE D 125 -5.80 12.89 16.99
C PHE D 125 -4.99 11.98 17.89
CL CL E . 3.62 -8.40 -4.46
ZN ZN F . 1.31 -9.94 -0.77
C ACT G . 3.56 1.99 2.25
O ACT G . 2.75 1.98 1.29
OXT ACT G . 4.33 1.01 2.32
CH3 ACT G . 3.57 3.10 3.26
H1 ACT G . 4.34 2.91 4.01
H2 ACT G . 3.77 4.04 2.75
H3 ACT G . 2.59 3.15 3.75
O1 HEZ H . 3.83 -3.35 15.24
C1 HEZ H . 4.11 -1.99 15.04
C2 HEZ H . 3.98 -1.64 13.56
C3 HEZ H . 4.29 -0.16 13.37
C4 HEZ H . 3.61 0.36 12.11
C5 HEZ H . 4.15 1.74 11.74
C6 HEZ H . 3.72 2.79 12.77
O6 HEZ H . 4.59 3.89 12.71
HO1 HEZ H . 3.58 -3.47 16.04
H11 HEZ H . 5.01 -1.80 15.34
H12 HEZ H . 3.49 -1.46 15.56
H21 HEZ H . 4.60 -2.18 13.05
H22 HEZ H . 3.07 -1.83 13.27
H31 HEZ H . 5.25 -0.04 13.29
H32 HEZ H . 3.96 0.33 14.14
H41 HEZ H . 3.78 -0.26 11.37
H42 HEZ H . 2.64 0.42 12.26
H51 HEZ H . 5.11 1.70 11.70
H52 HEZ H . 3.80 2.00 10.88
H61 HEZ H . 3.76 2.42 13.67
H62 HEZ H . 2.81 3.09 12.58
HO6 HEZ H . 4.25 4.48 12.21
CL CL I . -2.81 -26.46 5.63
ZN ZN J . -3.08 -21.76 5.69
C ACT K . -12.58 -24.68 13.60
O ACT K . -13.66 -25.03 14.12
OXT ACT K . -11.95 -23.78 14.19
CH3 ACT K . -12.07 -25.31 12.33
H1 ACT K . -12.61 -26.22 12.14
H2 ACT K . -11.00 -25.50 12.41
H3 ACT K . -12.26 -24.62 11.51
C ACT L . -8.55 -31.86 10.22
O ACT L . -8.25 -30.89 9.51
OXT ACT L . -8.73 -31.85 11.44
CH3 ACT L . -8.71 -33.15 9.56
H1 ACT L . -8.30 -33.02 8.54
H2 ACT L . -9.49 -33.62 9.63
H3 ACT L . -7.79 -33.77 10.01
CL CL M . 5.12 8.65 -1.92
ZN ZN N . 0.91 10.12 -0.89
C1 GOL O . 6.73 1.45 -5.48
O1 GOL O . 6.24 2.21 -4.40
C2 GOL O . 7.48 0.25 -4.92
O2 GOL O . 8.26 -0.35 -5.94
C3 GOL O . 6.47 -0.74 -4.36
O3 GOL O . 7.04 -2.04 -4.35
H11 GOL O . 7.40 2.05 -6.08
H12 GOL O . 5.91 1.12 -6.11
HO1 GOL O . 5.80 3.01 -4.75
H2 GOL O . 8.13 0.58 -4.12
HO2 GOL O . 8.73 -1.12 -5.58
H31 GOL O . 6.20 -0.46 -3.35
H32 GOL O . 5.57 -0.76 -4.97
HO3 GOL O . 6.63 -2.56 -5.06
C1 GOL P . -3.39 2.72 -27.24
O1 GOL P . -2.23 3.41 -26.87
C2 GOL P . -3.32 1.28 -26.75
O2 GOL P . -2.04 1.03 -26.23
C3 GOL P . -3.61 0.32 -27.90
O3 GOL P . -3.36 -1.00 -27.49
H11 GOL P . -3.50 2.74 -28.33
H12 GOL P . -4.26 3.21 -26.81
HO1 GOL P . -2.25 4.33 -27.24
H2 GOL P . -4.07 1.13 -25.98
HO2 GOL P . -2.05 0.17 -25.75
H31 GOL P . -2.98 0.56 -28.75
H32 GOL P . -4.65 0.42 -28.21
HO3 GOL P . -2.45 -1.07 -27.13
C1 GOL Q . -0.47 -1.42 -3.93
O1 GOL Q . -0.86 -0.72 -5.10
C2 GOL Q . -1.43 -2.55 -3.63
O2 GOL Q . -2.68 -2.03 -3.22
C3 GOL Q . -1.61 -3.38 -4.88
O3 GOL Q . -2.98 -3.49 -5.18
H11 GOL Q . 0.54 -1.81 -4.07
H12 GOL Q . -0.45 -0.71 -3.09
HO1 GOL Q . -0.14 -0.13 -5.38
H2 GOL Q . -1.01 -3.18 -2.84
HO2 GOL Q . -3.05 -1.49 -3.94
H31 GOL Q . -1.05 -2.93 -5.69
H32 GOL Q . -1.21 -4.37 -4.69
HO3 GOL Q . -3.09 -4.03 -5.99
C ACT R . 18.85 13.09 2.43
O ACT R . 18.10 13.48 1.51
OXT ACT R . 20.08 13.18 2.21
CH3 ACT R . 18.31 12.55 3.71
H1 ACT R . 17.27 12.84 3.81
H2 ACT R . 18.89 12.94 4.54
H3 ACT R . 18.38 11.46 3.70
CL CL S . -6.62 26.49 1.33
ZN ZN T . -7.00 21.70 1.36
O1 HEZ U . -7.61 29.47 -4.04
C1 HEZ U . -6.81 29.69 -5.17
C2 HEZ U . -7.45 30.78 -6.03
C3 HEZ U . -7.73 30.28 -7.45
C4 HEZ U . -9.10 30.73 -7.93
C5 HEZ U . -9.25 32.25 -7.82
C6 HEZ U . -10.37 32.72 -8.76
O6 HEZ U . -11.61 32.26 -8.29
HO1 HEZ U . -8.11 30.13 -3.90
H11 HEZ U . -5.93 29.97 -4.90
H12 HEZ U . -6.73 28.86 -5.68
H21 HEZ U . -8.28 31.06 -5.63
H22 HEZ U . -6.84 31.54 -6.08
H31 HEZ U . -7.05 30.62 -8.05
H32 HEZ U . -7.69 29.31 -7.48
H41 HEZ U . -9.78 30.30 -7.40
H42 HEZ U . -9.22 30.48 -8.87
H51 HEZ U . -9.48 32.48 -6.90
H52 HEZ U . -8.42 32.68 -8.06
H61 HEZ U . -10.38 33.68 -8.80
H62 HEZ U . -10.22 32.36 -9.64
HO6 HEZ U . -12.23 32.61 -8.76
#